data_1R8E
#
_entry.id   1R8E
#
_cell.length_a   107.280
_cell.length_b   107.280
_cell.length_c   145.700
_cell.angle_alpha   90.00
_cell.angle_beta   90.00
_cell.angle_gamma   90.00
#
_symmetry.space_group_name_H-M   'P 43 2 2'
#
loop_
_entity.id
_entity.type
_entity.pdbx_description
1 polymer "5'-D(*GP*AP*CP*CP*CP*TP*CP*CP*CP*CP*TP*TP*AP*GP*GP*GP*GP*AP*GP*GP*GP*TP*C)-3'"
2 polymer 'multidrug-efflux transporter regulator'
3 non-polymer GLYCEROL
4 non-polymer TETRAPHENYLPHOSPHONIUM
5 non-polymer IMIDAZOLE
6 water water
#
loop_
_entity_poly.entity_id
_entity_poly.type
_entity_poly.pdbx_seq_one_letter_code
_entity_poly.pdbx_strand_id
1 'polydeoxyribonucleotide'
;(DG)(DA)(DC)(DC)(DC)(DT)(DC)(DC)(DC)(DC)(DT)(DT)(DA)(DG)(DG)(DG)(DG)(DA)(DG)(DG)
(DG)(DT)(DC)
;
B
2 'polypeptide(L)'
;MKESYYSIGEVSKLANVSIKALRYYDKIDLFKPAYVDPDTSYRYYTDSQLIHLDLIKSLKYIGTPLEEMKKAQDLEMEEL
FAFYTEQERQIREKLDFLSALEQTISLVKKRMKRQMEYPALGEVFVLDEEEIRIIQTEAEGIGPENVLNASYSKLKKFIE
SADGFTNNSYGATFSFQPYTSIDEMTYRHIFTPVLTNKQISSITPDMEITTIPKGRYACIAYNFSPEHYFLNLQKLIKYI
ADRQLTVVSDVYELIIPIHYSPKKQEEYRVEMKIRIAE
;
A
#
# COMPACT_ATOMS: atom_id res chain seq x y z
N GLU B 3 16.62 -52.94 -11.64
CA GLU B 3 15.97 -54.07 -10.90
C GLU B 3 15.66 -53.73 -9.44
N SER B 4 15.92 -52.49 -9.05
CA SER B 4 15.64 -52.04 -7.69
C SER B 4 14.39 -51.14 -7.71
N TYR B 5 13.44 -51.43 -6.82
CA TYR B 5 12.18 -50.69 -6.73
C TYR B 5 11.99 -50.15 -5.32
N TYR B 6 11.20 -49.08 -5.19
CA TYR B 6 10.96 -48.45 -3.90
C TYR B 6 9.49 -48.26 -3.55
N SER B 7 9.19 -48.35 -2.26
CA SER B 7 7.82 -48.12 -1.79
C SER B 7 7.64 -46.60 -1.70
N ILE B 8 6.40 -46.14 -1.56
CA ILE B 8 6.16 -44.71 -1.48
C ILE B 8 6.97 -44.11 -0.32
N GLY B 9 7.06 -44.82 0.80
CA GLY B 9 7.80 -44.31 1.94
C GLY B 9 9.27 -44.12 1.64
N GLU B 10 9.84 -45.03 0.87
CA GLU B 10 11.24 -44.95 0.54
C GLU B 10 11.49 -43.76 -0.38
N VAL B 11 10.60 -43.57 -1.35
CA VAL B 11 10.77 -42.44 -2.25
C VAL B 11 10.69 -41.15 -1.44
N SER B 12 9.74 -41.10 -0.51
CA SER B 12 9.55 -39.94 0.33
C SER B 12 10.82 -39.60 1.11
N LYS B 13 11.44 -40.62 1.69
CA LYS B 13 12.66 -40.37 2.43
C LYS B 13 13.81 -40.02 1.47
N LEU B 14 13.85 -40.66 0.31
CA LEU B 14 14.93 -40.39 -0.65
C LEU B 14 14.92 -39.01 -1.31
N ALA B 15 13.75 -38.59 -1.77
CA ALA B 15 13.63 -37.31 -2.46
C ALA B 15 13.11 -36.19 -1.58
N ASN B 16 12.93 -36.47 -0.30
CA ASN B 16 12.42 -35.51 0.66
C ASN B 16 11.11 -34.87 0.19
N VAL B 17 10.16 -35.71 -0.18
CA VAL B 17 8.84 -35.26 -0.62
C VAL B 17 7.83 -36.01 0.24
N SER B 18 6.79 -35.35 0.73
CA SER B 18 5.84 -36.04 1.59
C SER B 18 5.12 -37.14 0.82
N ILE B 19 4.66 -38.14 1.57
CA ILE B 19 3.92 -39.25 0.99
C ILE B 19 2.64 -38.72 0.36
N LYS B 20 1.93 -37.84 1.08
CA LYS B 20 0.68 -37.28 0.57
C LYS B 20 0.93 -36.57 -0.75
N ALA B 21 2.09 -35.93 -0.88
CA ALA B 21 2.43 -35.23 -2.10
C ALA B 21 2.62 -36.23 -3.25
N LEU B 22 3.23 -37.38 -2.94
CA LEU B 22 3.44 -38.40 -3.96
C LEU B 22 2.07 -38.91 -4.43
N ARG B 23 1.18 -39.24 -3.49
CA ARG B 23 -0.15 -39.71 -3.88
C ARG B 23 -0.87 -38.65 -4.72
N TYR B 24 -0.71 -37.38 -4.34
CA TYR B 24 -1.35 -36.29 -5.08
C TYR B 24 -0.77 -36.16 -6.49
N TYR B 25 0.55 -36.14 -6.62
CA TYR B 25 1.16 -36.04 -7.94
C TYR B 25 0.76 -37.24 -8.79
N ASP B 26 0.44 -38.36 -8.12
CA ASP B 26 0.01 -39.56 -8.82
C ASP B 26 -1.41 -39.30 -9.38
N LYS B 27 -2.33 -38.89 -8.51
CA LYS B 27 -3.69 -38.59 -8.94
C LYS B 27 -3.74 -37.52 -10.03
N ILE B 28 -2.86 -36.52 -9.92
CA ILE B 28 -2.78 -35.42 -10.88
C ILE B 28 -2.13 -35.84 -12.20
N ASP B 29 -1.53 -37.02 -12.20
CA ASP B 29 -0.82 -37.55 -13.37
C ASP B 29 0.41 -36.72 -13.73
N LEU B 30 1.09 -36.22 -12.70
CA LEU B 30 2.30 -35.44 -12.86
C LEU B 30 3.50 -36.38 -12.67
N PHE B 31 3.35 -37.28 -11.70
CA PHE B 31 4.38 -38.25 -11.37
C PHE B 31 3.68 -39.51 -10.85
N LYS B 32 3.58 -40.53 -11.70
CA LYS B 32 2.90 -41.77 -11.32
C LYS B 32 3.88 -42.92 -11.11
N PRO B 33 3.64 -43.76 -10.09
CA PRO B 33 4.54 -44.89 -9.81
C PRO B 33 4.65 -45.84 -11.01
N ALA B 34 5.83 -46.43 -11.18
CA ALA B 34 6.05 -47.36 -12.28
C ALA B 34 5.11 -48.56 -12.19
N TYR B 35 4.83 -49.00 -10.96
CA TYR B 35 3.95 -50.15 -10.74
C TYR B 35 3.00 -50.04 -9.57
N VAL B 36 1.76 -50.46 -9.80
CA VAL B 36 0.76 -50.46 -8.75
C VAL B 36 0.23 -51.87 -8.53
N ASP B 37 0.43 -52.39 -7.33
CA ASP B 37 -0.04 -53.73 -6.98
C ASP B 37 -1.56 -53.77 -7.12
N PRO B 38 -2.07 -54.60 -8.04
CA PRO B 38 -3.51 -54.74 -8.30
C PRO B 38 -4.34 -55.25 -7.10
N ASP B 39 -3.68 -55.86 -6.13
CA ASP B 39 -4.40 -56.39 -4.98
C ASP B 39 -4.38 -55.45 -3.78
N THR B 40 -3.24 -54.85 -3.51
CA THR B 40 -3.12 -53.95 -2.37
C THR B 40 -3.16 -52.47 -2.73
N SER B 41 -3.06 -52.18 -4.01
CA SER B 41 -3.02 -50.79 -4.48
C SER B 41 -1.73 -50.07 -4.06
N TYR B 42 -0.80 -50.80 -3.45
CA TYR B 42 0.48 -50.21 -3.04
C TYR B 42 1.24 -49.67 -4.25
N ARG B 43 1.82 -48.48 -4.09
CA ARG B 43 2.59 -47.83 -5.13
C ARG B 43 4.07 -48.20 -5.06
N TYR B 44 4.67 -48.52 -6.20
CA TYR B 44 6.08 -48.87 -6.25
C TYR B 44 6.76 -48.08 -7.36
N TYR B 45 7.93 -47.55 -7.04
CA TYR B 45 8.70 -46.72 -7.99
C TYR B 45 10.05 -47.32 -8.35
N THR B 46 10.53 -46.98 -9.54
CA THR B 46 11.83 -47.47 -9.97
C THR B 46 12.87 -46.39 -9.74
N ASP B 47 14.14 -46.78 -9.69
CA ASP B 47 15.20 -45.82 -9.48
C ASP B 47 15.30 -44.76 -10.59
N SER B 48 15.28 -45.19 -11.86
CA SER B 48 15.41 -44.25 -12.98
C SER B 48 14.35 -43.15 -12.99
N GLN B 49 13.22 -43.46 -12.38
CA GLN B 49 12.07 -42.57 -12.32
C GLN B 49 12.32 -41.36 -11.40
N LEU B 50 13.15 -41.54 -10.37
CA LEU B 50 13.44 -40.49 -9.41
C LEU B 50 13.93 -39.19 -10.04
N ILE B 51 14.53 -39.30 -11.21
CA ILE B 51 15.06 -38.14 -11.90
C ILE B 51 13.95 -37.12 -12.17
N HIS B 52 12.74 -37.60 -12.41
CA HIS B 52 11.60 -36.71 -12.69
C HIS B 52 11.23 -35.82 -11.51
N LEU B 53 11.60 -36.21 -10.30
CA LEU B 53 11.29 -35.38 -9.13
C LEU B 53 12.22 -34.16 -9.06
N ASP B 54 13.29 -34.18 -9.84
CA ASP B 54 14.21 -33.04 -9.87
C ASP B 54 13.52 -31.81 -10.46
N LEU B 55 12.88 -31.98 -11.62
CA LEU B 55 12.18 -30.88 -12.27
C LEU B 55 11.05 -30.40 -11.36
N ILE B 56 10.22 -31.35 -10.93
CA ILE B 56 9.07 -31.06 -10.08
C ILE B 56 9.46 -30.27 -8.83
N LYS B 57 10.53 -30.70 -8.15
CA LYS B 57 10.96 -29.99 -6.94
C LYS B 57 11.51 -28.60 -7.24
N SER B 58 12.29 -28.47 -8.31
CA SER B 58 12.83 -27.17 -8.66
C SER B 58 11.72 -26.20 -9.04
N LEU B 59 10.76 -26.67 -9.84
CA LEU B 59 9.66 -25.82 -10.25
C LEU B 59 8.77 -25.46 -9.06
N LYS B 60 8.69 -26.36 -8.08
CA LYS B 60 7.87 -26.07 -6.92
C LYS B 60 8.57 -24.99 -6.11
N TYR B 61 9.90 -25.09 -6.05
CA TYR B 61 10.67 -24.12 -5.31
C TYR B 61 10.46 -22.70 -5.87
N ILE B 62 10.38 -22.57 -7.18
CA ILE B 62 10.18 -21.25 -7.78
C ILE B 62 8.70 -20.85 -7.87
N GLY B 63 7.82 -21.71 -7.36
CA GLY B 63 6.39 -21.39 -7.36
C GLY B 63 5.55 -21.77 -8.55
N THR B 64 6.11 -22.54 -9.47
CA THR B 64 5.36 -22.94 -10.64
C THR B 64 4.18 -23.82 -10.22
N PRO B 65 2.97 -23.51 -10.70
CA PRO B 65 1.82 -24.32 -10.34
C PRO B 65 1.89 -25.73 -10.95
N LEU B 66 1.50 -26.74 -10.18
CA LEU B 66 1.57 -28.12 -10.64
C LEU B 66 1.11 -28.36 -12.08
N GLU B 67 -0.06 -27.84 -12.44
CA GLU B 67 -0.54 -28.07 -13.80
C GLU B 67 0.38 -27.57 -14.88
N GLU B 68 1.06 -26.47 -14.61
CA GLU B 68 1.97 -25.93 -15.61
C GLU B 68 3.25 -26.76 -15.62
N MET B 69 3.47 -27.53 -14.57
CA MET B 69 4.66 -28.37 -14.53
C MET B 69 4.53 -29.48 -15.57
N LYS B 70 3.30 -29.96 -15.74
CA LYS B 70 3.01 -31.00 -16.69
C LYS B 70 3.40 -30.57 -18.10
N LYS B 71 3.24 -29.29 -18.41
CA LYS B 71 3.60 -28.85 -19.75
C LYS B 71 5.10 -28.56 -19.82
N ALA B 72 5.71 -28.32 -18.66
CA ALA B 72 7.15 -28.05 -18.61
C ALA B 72 7.93 -29.34 -18.88
N GLN B 73 7.42 -30.47 -18.42
CA GLN B 73 8.16 -31.70 -18.67
C GLN B 73 7.97 -32.20 -20.10
N ASP B 74 7.30 -31.40 -20.92
CA ASP B 74 7.05 -31.76 -22.33
C ASP B 74 7.84 -30.88 -23.29
N LEU B 75 8.46 -29.82 -22.78
CA LEU B 75 9.22 -28.95 -23.66
C LEU B 75 10.68 -29.37 -23.79
N GLU B 76 11.29 -28.98 -24.91
CA GLU B 76 12.69 -29.29 -25.22
C GLU B 76 13.63 -28.43 -24.39
N MET B 77 14.89 -28.85 -24.30
CA MET B 77 15.88 -28.12 -23.53
C MET B 77 15.97 -26.65 -23.98
N GLU B 78 15.71 -26.41 -25.24
CA GLU B 78 15.74 -25.05 -25.78
C GLU B 78 14.55 -24.27 -25.24
N GLU B 79 13.38 -24.90 -25.28
CA GLU B 79 12.16 -24.28 -24.78
C GLU B 79 12.23 -24.10 -23.27
N LEU B 80 12.93 -25.00 -22.60
CA LEU B 80 13.07 -24.92 -21.15
C LEU B 80 13.96 -23.72 -20.81
N PHE B 81 14.97 -23.50 -21.64
CA PHE B 81 15.87 -22.36 -21.45
C PHE B 81 15.01 -21.09 -21.43
N ALA B 82 14.15 -20.94 -22.44
CA ALA B 82 13.25 -19.77 -22.56
C ALA B 82 12.30 -19.70 -21.38
N PHE B 83 11.83 -20.86 -20.94
CA PHE B 83 10.93 -20.95 -19.80
C PHE B 83 11.57 -20.24 -18.61
N TYR B 84 12.85 -20.49 -18.39
CA TYR B 84 13.57 -19.87 -17.28
C TYR B 84 13.72 -18.37 -17.50
N THR B 85 13.94 -17.99 -18.75
CA THR B 85 14.08 -16.58 -19.09
C THR B 85 12.82 -15.85 -18.63
N GLU B 86 11.68 -16.51 -18.83
CA GLU B 86 10.38 -15.96 -18.45
C GLU B 86 10.27 -15.91 -16.94
N GLN B 87 10.89 -16.87 -16.26
CA GLN B 87 10.84 -16.90 -14.81
C GLN B 87 11.65 -15.74 -14.24
N GLU B 88 12.76 -15.41 -14.90
CA GLU B 88 13.59 -14.32 -14.45
C GLU B 88 12.84 -13.00 -14.59
N ARG B 89 12.12 -12.87 -15.70
CA ARG B 89 11.35 -11.67 -15.97
C ARG B 89 10.32 -11.46 -14.86
N GLN B 90 9.63 -12.54 -14.49
CA GLN B 90 8.64 -12.47 -13.42
C GLN B 90 9.27 -12.14 -12.07
N ILE B 91 10.46 -12.69 -11.82
CA ILE B 91 11.15 -12.43 -10.58
C ILE B 91 11.57 -10.97 -10.51
N ARG B 92 12.13 -10.45 -11.59
CA ARG B 92 12.52 -9.05 -11.58
C ARG B 92 11.27 -8.20 -11.32
N GLU B 93 10.12 -8.68 -11.79
CA GLU B 93 8.86 -7.98 -11.62
C GLU B 93 8.46 -8.05 -10.14
N LYS B 94 8.68 -9.20 -9.51
CA LYS B 94 8.35 -9.35 -8.10
C LYS B 94 9.28 -8.44 -7.28
N LEU B 95 10.55 -8.45 -7.65
CA LEU B 95 11.54 -7.65 -6.97
C LEU B 95 11.21 -6.18 -6.85
N ASP B 96 11.03 -5.51 -7.99
CA ASP B 96 10.73 -4.08 -7.90
C ASP B 96 9.39 -3.79 -7.23
N PHE B 97 8.47 -4.73 -7.26
CA PHE B 97 7.20 -4.52 -6.58
C PHE B 97 7.48 -4.48 -5.08
N LEU B 98 8.29 -5.43 -4.60
CA LEU B 98 8.63 -5.48 -3.17
C LEU B 98 9.49 -4.29 -2.77
N SER B 99 10.36 -3.85 -3.68
CA SER B 99 11.24 -2.72 -3.42
C SER B 99 10.40 -1.46 -3.24
N ALA B 100 9.49 -1.22 -4.17
CA ALA B 100 8.62 -0.06 -4.11
C ALA B 100 7.81 -0.12 -2.81
N LEU B 101 7.26 -1.30 -2.52
CA LEU B 101 6.46 -1.47 -1.32
C LEU B 101 7.31 -1.21 -0.07
N GLU B 102 8.54 -1.70 -0.09
CA GLU B 102 9.45 -1.48 1.03
C GLU B 102 9.63 0.02 1.27
N GLN B 103 9.73 0.78 0.18
CA GLN B 103 9.91 2.23 0.28
C GLN B 103 8.63 2.93 0.77
N THR B 104 7.50 2.51 0.24
CA THR B 104 6.23 3.09 0.65
C THR B 104 6.00 2.89 2.14
N ILE B 105 6.16 1.65 2.61
CA ILE B 105 5.94 1.35 4.02
C ILE B 105 6.78 2.28 4.89
N SER B 106 8.04 2.46 4.49
CA SER B 106 8.96 3.31 5.24
C SER B 106 8.45 4.75 5.32
N LEU B 107 7.83 5.22 4.24
CA LEU B 107 7.28 6.58 4.20
C LEU B 107 6.09 6.65 5.15
N VAL B 108 5.24 5.63 5.12
CA VAL B 108 4.06 5.61 5.99
C VAL B 108 4.48 5.67 7.45
N LYS B 109 5.46 4.85 7.82
CA LYS B 109 5.97 4.83 9.19
C LYS B 109 6.54 6.21 9.56
N LYS B 110 7.21 6.86 8.61
CA LYS B 110 7.78 8.17 8.88
C LYS B 110 6.69 9.17 9.23
N ARG B 111 5.64 9.23 8.41
CA ARG B 111 4.55 10.16 8.69
C ARG B 111 3.78 9.71 9.95
N MET B 112 3.76 8.42 10.18
CA MET B 112 3.06 7.86 11.33
C MET B 112 3.78 8.24 12.63
N LYS B 113 5.11 8.17 12.61
CA LYS B 113 5.91 8.51 13.77
C LYS B 113 5.77 10.00 14.07
N ARG B 114 5.92 10.83 13.04
CA ARG B 114 5.81 12.27 13.17
C ARG B 114 4.54 12.67 13.95
N GLN B 115 3.43 11.99 13.69
CA GLN B 115 2.18 12.30 14.37
C GLN B 115 2.18 11.76 15.82
N MET B 116 3.02 10.76 16.10
CA MET B 116 3.09 10.19 17.44
C MET B 116 4.10 10.97 18.29
N GLU B 117 5.00 11.70 17.64
CA GLU B 117 6.02 12.48 18.33
C GLU B 117 5.61 13.95 18.46
N TYR B 118 4.38 14.28 18.09
CA TYR B 118 3.95 15.68 18.17
C TYR B 118 4.15 16.26 19.57
N PRO B 119 4.84 17.41 19.66
CA PRO B 119 5.13 18.10 20.93
C PRO B 119 3.93 18.19 21.87
N ALA B 120 2.85 18.78 21.38
CA ALA B 120 1.65 18.92 22.20
C ALA B 120 0.46 19.22 21.32
N LEU B 121 -0.72 18.90 21.82
CA LEU B 121 -1.95 19.13 21.09
C LEU B 121 -2.59 20.45 21.50
N GLY B 122 -3.25 21.09 20.55
CA GLY B 122 -3.93 22.34 20.83
C GLY B 122 -3.01 23.53 21.03
N GLU B 123 -1.76 23.39 20.59
CA GLU B 123 -0.80 24.47 20.73
C GLU B 123 -0.15 24.81 19.39
N VAL B 124 -0.11 26.08 19.03
CA VAL B 124 0.51 26.48 17.77
C VAL B 124 2.04 26.38 17.82
N PHE B 125 2.62 25.74 16.81
CA PHE B 125 4.07 25.56 16.70
C PHE B 125 4.52 26.04 15.32
N VAL B 126 5.74 26.57 15.25
CA VAL B 126 6.25 27.01 13.98
C VAL B 126 7.46 26.19 13.61
N LEU B 127 7.30 25.27 12.66
CA LEU B 127 8.44 24.46 12.24
C LEU B 127 8.75 24.54 10.75
N ASP B 128 9.96 24.12 10.42
CA ASP B 128 10.43 24.14 9.04
C ASP B 128 10.07 22.80 8.44
N GLU B 129 9.07 22.81 7.58
CA GLU B 129 8.60 21.59 6.97
C GLU B 129 9.26 21.25 5.63
N GLU B 130 9.25 19.98 5.31
CA GLU B 130 9.79 19.52 4.05
C GLU B 130 8.52 19.45 3.19
N GLU B 131 8.66 19.51 1.87
CA GLU B 131 7.48 19.47 1.02
C GLU B 131 6.75 18.14 1.04
N ILE B 132 5.45 18.19 0.75
CA ILE B 132 4.61 16.99 0.70
C ILE B 132 3.88 16.94 -0.64
N ARG B 133 4.25 15.98 -1.49
CA ARG B 133 3.63 15.83 -2.80
C ARG B 133 2.16 15.45 -2.62
N ILE B 134 1.28 16.09 -3.36
CA ILE B 134 -0.13 15.76 -3.26
C ILE B 134 -0.82 15.78 -4.61
N ILE B 135 -2.03 15.24 -4.63
CA ILE B 135 -2.82 15.22 -5.82
C ILE B 135 -4.12 15.87 -5.32
N GLN B 136 -4.60 16.89 -6.03
CA GLN B 136 -5.81 17.58 -5.57
C GLN B 136 -6.86 17.82 -6.64
N THR B 137 -8.05 18.26 -6.21
CA THR B 137 -9.14 18.57 -7.13
C THR B 137 -9.99 19.66 -6.46
N GLU B 138 -10.72 20.46 -7.24
CA GLU B 138 -11.53 21.51 -6.62
C GLU B 138 -12.59 20.93 -5.70
N ALA B 139 -12.82 21.60 -4.58
CA ALA B 139 -13.76 21.12 -3.57
C ALA B 139 -15.23 21.23 -3.94
N GLU B 140 -15.52 21.91 -5.05
CA GLU B 140 -16.90 22.07 -5.50
C GLU B 140 -17.86 22.61 -4.45
N GLY B 141 -17.44 23.64 -3.73
CA GLY B 141 -18.32 24.23 -2.73
C GLY B 141 -18.45 23.49 -1.41
N ILE B 142 -17.74 22.38 -1.27
CA ILE B 142 -17.79 21.60 -0.03
C ILE B 142 -17.12 22.41 1.09
N GLY B 143 -17.59 22.18 2.32
CA GLY B 143 -17.04 22.85 3.48
C GLY B 143 -16.79 21.83 4.59
N PRO B 144 -16.28 22.28 5.75
CA PRO B 144 -15.98 21.43 6.90
C PRO B 144 -17.14 20.59 7.42
N GLU B 145 -18.35 21.08 7.22
CA GLU B 145 -19.54 20.37 7.71
C GLU B 145 -20.14 19.38 6.73
N ASN B 146 -19.83 19.48 5.45
CA ASN B 146 -20.46 18.55 4.53
C ASN B 146 -19.53 17.69 3.67
N VAL B 147 -18.22 17.75 3.95
CA VAL B 147 -17.23 16.93 3.23
C VAL B 147 -17.49 15.49 3.61
N LEU B 148 -17.33 14.57 2.67
CA LEU B 148 -17.56 13.15 2.95
C LEU B 148 -16.36 12.32 2.51
N ASN B 149 -16.31 11.07 2.98
CA ASN B 149 -15.23 10.18 2.55
C ASN B 149 -15.45 9.96 1.06
N ALA B 150 -16.71 9.82 0.66
CA ALA B 150 -17.05 9.61 -0.74
C ALA B 150 -16.55 10.74 -1.64
N SER B 151 -16.36 11.93 -1.07
CA SER B 151 -15.88 13.06 -1.88
C SER B 151 -14.50 12.78 -2.44
N TYR B 152 -13.71 11.96 -1.75
CA TYR B 152 -12.36 11.64 -2.19
C TYR B 152 -12.27 10.43 -3.10
N SER B 153 -13.42 9.89 -3.47
CA SER B 153 -13.47 8.72 -4.33
C SER B 153 -12.58 8.75 -5.57
N LYS B 154 -12.71 9.79 -6.40
CA LYS B 154 -11.93 9.89 -7.62
C LYS B 154 -10.43 10.04 -7.32
N LEU B 155 -10.11 10.81 -6.28
CA LEU B 155 -8.71 10.98 -5.91
C LEU B 155 -8.10 9.66 -5.46
N LYS B 156 -8.77 8.95 -4.57
CA LYS B 156 -8.23 7.69 -4.08
C LYS B 156 -7.99 6.67 -5.19
N LYS B 157 -8.88 6.60 -6.17
CA LYS B 157 -8.71 5.67 -7.27
C LYS B 157 -7.34 5.88 -7.91
N PHE B 158 -7.07 7.11 -8.32
CA PHE B 158 -5.79 7.42 -8.95
C PHE B 158 -4.60 7.11 -8.07
N ILE B 159 -4.63 7.59 -6.83
CA ILE B 159 -3.52 7.33 -5.93
C ILE B 159 -3.33 5.86 -5.66
N GLU B 160 -4.42 5.11 -5.60
CA GLU B 160 -4.33 3.67 -5.35
C GLU B 160 -3.74 2.98 -6.56
N SER B 161 -4.00 3.53 -7.73
CA SER B 161 -3.49 2.96 -8.98
C SER B 161 -1.99 3.14 -9.15
N ALA B 162 -1.38 3.99 -8.33
CA ALA B 162 0.06 4.24 -8.44
C ALA B 162 0.82 3.89 -7.16
N ASP B 163 0.15 3.93 -6.02
CA ASP B 163 0.80 3.62 -4.75
C ASP B 163 0.41 2.25 -4.23
N GLY B 164 -0.79 1.79 -4.57
CA GLY B 164 -1.27 0.50 -4.10
C GLY B 164 -1.72 0.64 -2.65
N PHE B 165 -0.89 1.30 -1.87
CA PHE B 165 -1.16 1.55 -0.47
C PHE B 165 -2.12 2.74 -0.45
N THR B 166 -3.41 2.48 -0.28
CA THR B 166 -4.41 3.55 -0.27
C THR B 166 -4.03 4.62 0.77
N ASN B 167 -4.25 5.88 0.40
CA ASN B 167 -3.94 7.00 1.28
C ASN B 167 -4.68 6.85 2.60
N ASN B 168 -4.03 7.26 3.66
CA ASN B 168 -4.64 7.16 4.97
C ASN B 168 -5.03 8.55 5.47
N SER B 169 -4.39 9.56 4.89
CA SER B 169 -4.61 10.94 5.28
C SER B 169 -5.52 11.67 4.29
N TYR B 170 -6.48 12.42 4.80
CA TYR B 170 -7.38 13.16 3.93
C TYR B 170 -7.11 14.63 4.12
N GLY B 171 -6.99 15.37 3.02
CA GLY B 171 -6.71 16.78 3.13
C GLY B 171 -7.72 17.73 2.49
N ALA B 172 -7.63 18.99 2.90
CA ALA B 172 -8.48 20.06 2.36
C ALA B 172 -7.70 21.34 2.54
N THR B 173 -8.09 22.37 1.82
CA THR B 173 -7.41 23.65 1.94
C THR B 173 -8.47 24.73 1.87
N PHE B 174 -8.14 25.89 2.42
CA PHE B 174 -9.06 27.01 2.35
C PHE B 174 -8.32 28.31 2.56
N SER B 175 -8.95 29.40 2.12
CA SER B 175 -8.37 30.73 2.21
C SER B 175 -8.22 31.17 3.66
N PHE B 176 -7.04 31.65 4.02
CA PHE B 176 -6.80 32.12 5.37
C PHE B 176 -7.56 33.43 5.57
N GLN B 177 -8.59 33.39 6.39
CA GLN B 177 -9.41 34.57 6.67
C GLN B 177 -9.67 34.64 8.17
N PRO B 178 -10.14 35.80 8.64
CA PRO B 178 -10.43 35.91 10.09
C PRO B 178 -11.88 35.46 10.28
N TYR B 179 -12.14 34.19 10.00
CA TYR B 179 -13.49 33.63 10.12
C TYR B 179 -14.01 33.73 11.56
N THR B 180 -15.30 34.03 11.71
CA THR B 180 -15.90 34.12 13.05
C THR B 180 -16.82 32.94 13.27
N SER B 181 -16.98 32.15 12.22
CA SER B 181 -17.86 30.98 12.25
C SER B 181 -17.50 29.99 11.17
N ILE B 182 -17.68 28.70 11.48
CA ILE B 182 -17.40 27.63 10.54
C ILE B 182 -18.30 27.70 9.32
N ASP B 183 -19.57 28.09 9.51
CA ASP B 183 -20.48 28.14 8.37
C ASP B 183 -20.06 29.19 7.34
N GLU B 184 -19.02 29.94 7.67
CA GLU B 184 -18.48 30.97 6.80
C GLU B 184 -17.40 30.40 5.86
N MET B 185 -16.86 29.25 6.21
CA MET B 185 -15.79 28.73 5.37
C MET B 185 -16.18 27.68 4.34
N THR B 186 -15.52 27.76 3.18
CA THR B 186 -15.72 26.79 2.11
C THR B 186 -14.34 26.31 1.68
N TYR B 187 -14.18 25.03 1.44
CA TYR B 187 -12.88 24.53 1.02
C TYR B 187 -12.58 24.94 -0.42
N ARG B 188 -11.30 25.15 -0.74
CA ARG B 188 -10.93 25.48 -2.11
C ARG B 188 -10.65 24.14 -2.80
N HIS B 189 -9.76 23.36 -2.22
CA HIS B 189 -9.43 22.04 -2.75
C HIS B 189 -9.48 20.98 -1.67
N ILE B 190 -9.60 19.74 -2.10
CA ILE B 190 -9.52 18.60 -1.19
C ILE B 190 -8.35 17.86 -1.82
N PHE B 191 -7.55 17.16 -1.02
CA PHE B 191 -6.41 16.47 -1.60
C PHE B 191 -6.02 15.26 -0.81
N THR B 192 -5.10 14.51 -1.37
CA THR B 192 -4.59 13.32 -0.72
C THR B 192 -3.14 13.24 -1.12
N PRO B 193 -2.25 13.06 -0.14
CA PRO B 193 -0.82 12.97 -0.46
C PRO B 193 -0.51 11.70 -1.25
N VAL B 194 0.56 11.76 -2.05
CA VAL B 194 0.99 10.61 -2.85
C VAL B 194 2.25 10.05 -2.18
N LEU B 195 2.21 8.75 -1.88
CA LEU B 195 3.30 8.05 -1.22
C LEU B 195 4.26 7.38 -2.19
N THR B 196 4.15 7.73 -3.48
CA THR B 196 5.01 7.09 -4.48
C THR B 196 5.35 8.02 -5.65
N ASN B 197 6.40 7.67 -6.40
CA ASN B 197 6.81 8.47 -7.55
C ASN B 197 6.48 7.74 -8.82
N LYS B 198 5.76 6.63 -8.68
CA LYS B 198 5.36 5.82 -9.82
C LYS B 198 4.42 6.61 -10.72
N GLN B 199 4.71 6.61 -12.02
CA GLN B 199 3.87 7.33 -12.98
C GLN B 199 2.41 6.94 -12.81
N ILE B 200 1.51 7.92 -12.90
CA ILE B 200 0.09 7.68 -12.76
C ILE B 200 -0.51 7.36 -14.13
N SER B 201 -1.48 6.44 -14.15
CA SER B 201 -2.11 6.03 -15.40
C SER B 201 -3.11 7.04 -15.95
N SER B 202 -2.66 7.80 -16.95
CA SER B 202 -3.50 8.81 -17.60
C SER B 202 -4.42 9.56 -16.64
N ILE B 203 -3.89 10.60 -16.03
CA ILE B 203 -4.65 11.42 -15.09
C ILE B 203 -5.52 12.42 -15.84
N THR B 204 -6.80 12.49 -15.48
CA THR B 204 -7.72 13.41 -16.13
C THR B 204 -7.40 14.86 -15.71
N PRO B 205 -7.74 15.84 -16.55
CA PRO B 205 -7.46 17.24 -16.25
C PRO B 205 -8.16 17.83 -15.02
N ASP B 206 -9.24 17.22 -14.54
CA ASP B 206 -9.92 17.76 -13.35
C ASP B 206 -9.10 17.52 -12.07
N MET B 207 -7.93 16.88 -12.21
CA MET B 207 -7.04 16.62 -11.09
C MET B 207 -5.75 17.37 -11.34
N GLU B 208 -5.09 17.77 -10.27
CA GLU B 208 -3.85 18.49 -10.38
C GLU B 208 -2.81 17.84 -9.47
N ILE B 209 -1.62 17.65 -10.01
CA ILE B 209 -0.53 17.09 -9.25
C ILE B 209 0.26 18.29 -8.80
N THR B 210 0.48 18.41 -7.49
CA THR B 210 1.23 19.54 -7.00
C THR B 210 1.82 19.19 -5.65
N THR B 211 2.02 20.19 -4.80
CA THR B 211 2.60 19.89 -3.49
C THR B 211 2.33 20.92 -2.41
N ILE B 212 2.65 20.54 -1.19
CA ILE B 212 2.57 21.44 -0.06
C ILE B 212 4.06 21.79 0.01
N PRO B 213 4.42 22.98 -0.48
CA PRO B 213 5.81 23.46 -0.52
C PRO B 213 6.54 23.49 0.79
N LYS B 214 7.84 23.24 0.73
CA LYS B 214 8.64 23.25 1.94
C LYS B 214 8.83 24.71 2.35
N GLY B 215 8.89 24.95 3.64
CA GLY B 215 9.04 26.31 4.14
C GLY B 215 8.73 26.33 5.61
N ARG B 216 8.46 27.52 6.12
CA ARG B 216 8.13 27.74 7.52
C ARG B 216 6.62 27.71 7.66
N TYR B 217 6.15 26.83 8.52
CA TYR B 217 4.73 26.70 8.73
C TYR B 217 4.29 26.89 10.18
N ALA B 218 3.17 27.56 10.34
CA ALA B 218 2.56 27.77 11.64
C ALA B 218 1.62 26.57 11.65
N CYS B 219 1.80 25.67 12.62
CA CYS B 219 0.99 24.45 12.73
C CYS B 219 0.32 24.21 14.08
N ILE B 220 -0.69 23.35 14.07
CA ILE B 220 -1.39 22.99 15.28
C ILE B 220 -2.06 21.66 15.00
N ALA B 221 -2.02 20.75 15.98
CA ALA B 221 -2.61 19.43 15.82
C ALA B 221 -3.50 19.15 17.04
N TYR B 222 -4.50 18.29 16.85
CA TYR B 222 -5.43 17.95 17.93
C TYR B 222 -6.39 16.84 17.49
N ASN B 223 -7.12 16.28 18.45
CA ASN B 223 -8.09 15.25 18.16
C ASN B 223 -9.36 15.99 17.84
N PHE B 224 -9.99 15.62 16.73
CA PHE B 224 -11.18 16.30 16.29
C PHE B 224 -12.42 16.26 17.17
N SER B 225 -13.11 17.40 17.16
CA SER B 225 -14.39 17.58 17.81
C SER B 225 -14.81 18.93 17.23
N PRO B 226 -16.11 19.15 17.08
CA PRO B 226 -16.56 20.44 16.53
C PRO B 226 -15.96 21.59 17.34
N GLU B 227 -16.03 21.52 18.67
CA GLU B 227 -15.49 22.62 19.47
C GLU B 227 -13.99 22.78 19.29
N HIS B 228 -13.26 21.69 19.21
CA HIS B 228 -11.81 21.79 19.04
C HIS B 228 -11.45 22.39 17.68
N TYR B 229 -12.18 22.00 16.65
CA TYR B 229 -11.92 22.51 15.31
C TYR B 229 -11.97 24.03 15.32
N PHE B 230 -13.06 24.59 15.83
CA PHE B 230 -13.22 26.02 15.88
C PHE B 230 -12.18 26.70 16.78
N LEU B 231 -12.05 26.19 18.01
CA LEU B 231 -11.09 26.75 18.95
C LEU B 231 -9.69 26.81 18.40
N ASN B 232 -9.22 25.69 17.87
CA ASN B 232 -7.86 25.64 17.36
C ASN B 232 -7.61 26.48 16.12
N LEU B 233 -8.64 26.66 15.31
CA LEU B 233 -8.50 27.47 14.13
C LEU B 233 -8.27 28.92 14.62
N GLN B 234 -9.07 29.35 15.60
CA GLN B 234 -8.93 30.69 16.17
C GLN B 234 -7.55 30.89 16.80
N LYS B 235 -6.97 29.85 17.40
CA LYS B 235 -5.64 29.98 17.99
C LYS B 235 -4.63 30.29 16.89
N LEU B 236 -4.79 29.62 15.75
CA LEU B 236 -3.89 29.81 14.63
C LEU B 236 -4.00 31.24 14.11
N ILE B 237 -5.22 31.72 13.94
CA ILE B 237 -5.46 33.06 13.45
C ILE B 237 -4.84 34.09 14.39
N LYS B 238 -5.04 33.91 15.69
CA LYS B 238 -4.52 34.83 16.68
C LYS B 238 -2.99 34.78 16.72
N TYR B 239 -2.45 33.58 16.62
CA TYR B 239 -1.01 33.42 16.66
C TYR B 239 -0.36 34.26 15.56
N ILE B 240 -0.93 34.19 14.35
CA ILE B 240 -0.42 34.93 13.21
C ILE B 240 -0.63 36.45 13.38
N ALA B 241 -1.80 36.87 13.84
CA ALA B 241 -2.01 38.30 14.02
C ALA B 241 -1.12 38.83 15.14
N ASP B 242 -1.08 38.15 16.27
CA ASP B 242 -0.27 38.60 17.40
C ASP B 242 1.17 38.93 17.00
N ARG B 243 1.81 38.06 16.24
CA ARG B 243 3.17 38.37 15.85
C ARG B 243 3.24 38.96 14.44
N GLN B 244 2.12 39.50 13.97
CA GLN B 244 2.06 40.12 12.65
C GLN B 244 2.75 39.31 11.55
N LEU B 245 2.60 38.00 11.57
CA LEU B 245 3.22 37.15 10.56
C LEU B 245 2.51 37.29 9.22
N THR B 246 3.22 37.02 8.14
CA THR B 246 2.62 37.15 6.82
C THR B 246 2.39 35.76 6.22
N VAL B 247 1.14 35.47 5.87
CA VAL B 247 0.80 34.18 5.31
C VAL B 247 1.03 34.15 3.82
N VAL B 248 1.63 33.07 3.35
CA VAL B 248 1.90 32.96 1.94
C VAL B 248 1.37 31.66 1.33
N SER B 249 0.22 31.22 1.80
CA SER B 249 -0.41 30.02 1.25
C SER B 249 -1.75 29.93 1.89
N ASP B 250 -2.55 29.00 1.39
CA ASP B 250 -3.86 28.72 1.97
C ASP B 250 -3.60 27.95 3.26
N VAL B 251 -4.66 27.69 4.01
CA VAL B 251 -4.54 26.87 5.22
C VAL B 251 -4.64 25.40 4.76
N TYR B 252 -3.72 24.56 5.21
CA TYR B 252 -3.77 23.14 4.84
C TYR B 252 -4.32 22.34 6.02
N GLU B 253 -5.23 21.43 5.72
CA GLU B 253 -5.90 20.64 6.74
C GLU B 253 -5.76 19.14 6.45
N LEU B 254 -5.06 18.42 7.32
CA LEU B 254 -4.91 16.99 7.12
C LEU B 254 -5.55 16.23 8.27
N ILE B 255 -6.30 15.20 7.91
CA ILE B 255 -6.98 14.40 8.90
C ILE B 255 -6.64 12.95 8.74
N ILE B 256 -6.31 12.30 9.85
CA ILE B 256 -5.99 10.89 9.79
C ILE B 256 -6.62 10.20 11.00
N PRO B 257 -7.33 9.09 10.74
CA PRO B 257 -7.96 8.38 11.87
C PRO B 257 -6.92 7.86 12.85
N ILE B 258 -7.32 7.80 14.12
CA ILE B 258 -6.44 7.32 15.19
C ILE B 258 -6.48 5.79 15.29
N HIS B 259 -7.53 5.19 14.72
CA HIS B 259 -7.70 3.74 14.69
C HIS B 259 -8.72 3.36 13.61
N TYR B 260 -8.70 2.09 13.19
CA TYR B 260 -9.64 1.64 12.17
C TYR B 260 -10.49 0.49 12.67
N SER B 261 -10.88 0.58 13.95
CA SER B 261 -11.72 -0.44 14.56
C SER B 261 -13.19 -0.09 14.38
N PRO B 262 -13.95 -0.97 13.73
CA PRO B 262 -15.39 -0.76 13.49
C PRO B 262 -16.16 -0.83 14.80
N LYS B 263 -15.50 -1.29 15.86
CA LYS B 263 -16.12 -1.42 17.17
C LYS B 263 -16.06 -0.13 17.99
N LYS B 264 -14.85 0.33 18.26
CA LYS B 264 -14.62 1.55 19.03
C LYS B 264 -15.18 2.82 18.41
N GLN B 265 -15.43 3.82 19.26
CA GLN B 265 -15.95 5.10 18.81
C GLN B 265 -14.89 5.73 17.91
N GLU B 266 -15.30 6.24 16.74
CA GLU B 266 -14.33 6.81 15.82
C GLU B 266 -13.68 8.04 16.43
N GLU B 267 -12.41 8.24 16.08
CA GLU B 267 -11.66 9.38 16.54
C GLU B 267 -10.61 9.72 15.48
N TYR B 268 -10.45 11.01 15.20
CA TYR B 268 -9.50 11.47 14.18
C TYR B 268 -8.52 12.50 14.69
N ARG B 269 -7.37 12.53 14.06
CA ARG B 269 -6.33 13.49 14.39
C ARG B 269 -6.34 14.51 13.27
N VAL B 270 -6.36 15.78 13.63
CA VAL B 270 -6.40 16.86 12.66
C VAL B 270 -5.17 17.71 12.79
N GLU B 271 -4.68 18.22 11.67
CA GLU B 271 -3.52 19.09 11.70
C GLU B 271 -3.74 20.21 10.71
N MET B 272 -3.58 21.44 11.16
CA MET B 272 -3.73 22.61 10.30
C MET B 272 -2.36 23.26 10.20
N LYS B 273 -2.01 23.67 8.98
CA LYS B 273 -0.72 24.28 8.71
C LYS B 273 -0.91 25.44 7.75
N ILE B 274 -0.19 26.53 7.98
CA ILE B 274 -0.29 27.69 7.11
C ILE B 274 1.15 28.21 6.95
N ARG B 275 1.57 28.42 5.70
CA ARG B 275 2.93 28.89 5.45
C ARG B 275 3.10 30.38 5.72
N ILE B 276 4.23 30.75 6.31
CA ILE B 276 4.53 32.14 6.64
C ILE B 276 5.89 32.54 6.07
N ALA B 277 6.08 33.83 5.79
CA ALA B 277 7.33 34.30 5.19
C ALA B 277 8.51 34.03 6.14
#